data_3CUF
#
_entry.id   3CUF
#
_cell.length_a   85.668
_cell.length_b   85.668
_cell.length_c   79.179
_cell.angle_alpha   90.000
_cell.angle_beta   90.000
_cell.angle_gamma   90.000
#
_symmetry.space_group_name_H-M   'P 41 21 2'
#
loop_
_entity.id
_entity.type
_entity.pdbx_description
1 polymer Exo-beta-1,4-glucanase
2 non-polymer '(3R,4R,5R)-3-hydroxy-5-(hydroxymethyl)piperidin-4-yl beta-D-glucopyranoside'
3 water water
#
_entity_poly.entity_id   1
_entity_poly.type   'polypeptide(L)'
_entity_poly.pdbx_seq_one_letter_code
;ATTLKEAADGAGRDFGFALDPNRLSEAQYKAIADSEFNLVVAENAMKWDATEPSQNSFSFGAGDRVASYAADTGKELYGH
TLVWHSQLPDWAKNLNGSAFESAMVNHVTKVADHFEGKVASWDVVNEAFADGGGRRQDSAFQQKLGNGYIETAFRAARAA
DPTAKLCINDYNVEGINAKSNSLYDLVKDFKARGVPLDCVGFQSHLIVGQVPGDFRQNLQRFADLGVDVRITELDIRMRT
PSDATKLATQAADYKKVVQACMQVTRCQGVTVWGITDKYSWVPDVFPGEGAALVWDASYAKKPAYAAVMEAFGAS
;
_entity_poly.pdbx_strand_id   A
#
loop_
_chem_comp.id
_chem_comp.type
_chem_comp.name
_chem_comp.formula
9MR D-saccharide '(3R,4R,5R)-3-hydroxy-5-(hydroxymethyl)piperidin-4-yl beta-D-glucopyranoside' 'C12 H23 N O8'
#
# COMPACT_ATOMS: atom_id res chain seq x y z
N ALA A 1 6.05 19.41 16.86
CA ALA A 1 5.74 19.20 15.42
C ALA A 1 4.63 20.11 14.92
N THR A 2 4.83 20.66 13.73
CA THR A 2 3.86 21.52 13.08
C THR A 2 3.49 20.92 11.74
N THR A 3 4.08 19.76 11.43
CA THR A 3 3.61 18.96 10.30
C THR A 3 3.52 17.49 10.65
N LEU A 4 2.75 16.75 9.85
CA LEU A 4 2.68 15.31 10.03
C LEU A 4 4.05 14.66 9.79
N LYS A 5 4.79 15.18 8.83
CA LYS A 5 6.17 14.73 8.56
C LYS A 5 7.01 14.85 9.84
N GLU A 6 6.96 16.00 10.48
CA GLU A 6 7.73 16.21 11.71
C GLU A 6 7.30 15.22 12.78
N ALA A 7 6.00 14.96 12.88
CA ALA A 7 5.49 14.07 13.93
C ALA A 7 6.00 12.65 13.69
N ALA A 8 5.90 12.18 12.45
CA ALA A 8 6.38 10.83 12.10
C ALA A 8 7.90 10.71 12.22
N ASP A 9 8.61 11.71 11.68
CA ASP A 9 10.07 11.78 11.79
C ASP A 9 10.46 11.66 13.24
N GLY A 10 9.80 12.46 14.09
CA GLY A 10 10.09 12.46 15.54
C GLY A 10 9.84 11.11 16.18
N ALA A 11 8.84 10.39 15.67
CA ALA A 11 8.47 9.08 16.18
C ALA A 11 9.38 7.95 15.68
N GLY A 12 10.23 8.26 14.71
CA GLY A 12 11.04 7.22 14.09
C GLY A 12 10.25 6.30 13.18
N ARG A 13 9.20 6.85 12.54
CA ARG A 13 8.35 6.03 11.67
C ARG A 13 8.14 6.73 10.35
N ASP A 14 7.54 6.01 9.40
CA ASP A 14 7.20 6.54 8.09
C ASP A 14 5.76 7.05 8.05
N PHE A 15 5.56 8.18 7.38
CA PHE A 15 4.21 8.64 7.05
C PHE A 15 4.26 8.97 5.58
N GLY A 16 3.55 8.17 4.79
CA GLY A 16 3.66 8.29 3.35
C GLY A 16 2.35 8.65 2.68
N PHE A 17 2.42 8.93 1.37
CA PHE A 17 1.23 9.17 0.58
C PHE A 17 1.34 8.50 -0.80
N ALA A 18 0.18 8.22 -1.38
CA ALA A 18 0.09 7.74 -2.77
C ALA A 18 0.08 8.90 -3.75
N LEU A 19 1.13 8.92 -4.59
CA LEU A 19 1.35 10.01 -5.54
C LEU A 19 0.82 9.69 -6.92
N ASP A 20 0.17 10.69 -7.52
CA ASP A 20 -0.10 10.73 -8.96
C ASP A 20 0.88 11.75 -9.54
N PRO A 21 1.89 11.30 -10.30
CA PRO A 21 2.93 12.25 -10.72
C PRO A 21 2.40 13.40 -11.57
N ASN A 22 1.25 13.20 -12.22
CA ASN A 22 0.67 14.30 -13.02
C ASN A 22 0.21 15.46 -12.17
N ARG A 23 -0.13 15.19 -10.90
CA ARG A 23 -0.61 16.24 -10.01
C ARG A 23 0.52 17.10 -9.42
N LEU A 24 1.78 16.72 -9.68
CA LEU A 24 2.92 17.53 -9.20
C LEU A 24 2.97 18.90 -9.85
N SER A 25 2.29 19.04 -10.99
CA SER A 25 2.22 20.32 -11.67
C SER A 25 1.19 21.23 -11.00
N GLU A 26 0.39 20.70 -10.08
CA GLU A 26 -0.51 21.50 -9.25
C GLU A 26 0.26 21.86 -7.98
N ALA A 27 0.64 23.14 -7.87
CA ALA A 27 1.58 23.59 -6.86
C ALA A 27 1.12 23.33 -5.42
N GLN A 28 -0.18 23.48 -5.17
CA GLN A 28 -0.72 23.19 -3.82
C GLN A 28 -0.55 21.71 -3.46
N TYR A 29 -0.82 20.85 -4.43
CA TYR A 29 -0.62 19.43 -4.21
C TYR A 29 0.86 19.13 -3.94
N LYS A 30 1.75 19.69 -4.77
CA LYS A 30 3.18 19.50 -4.55
C LYS A 30 3.66 20.08 -3.20
N ALA A 31 3.11 21.25 -2.80
CA ALA A 31 3.51 21.86 -1.52
C ALA A 31 3.25 20.93 -0.35
N ILE A 32 2.06 20.30 -0.35
CA ILE A 32 1.66 19.38 0.74
C ILE A 32 2.50 18.09 0.65
N ALA A 33 2.64 17.55 -0.56
CA ALA A 33 3.51 16.37 -0.78
C ALA A 33 4.91 16.57 -0.21
N ASP A 34 5.48 17.73 -0.53
CA ASP A 34 6.85 18.04 -0.15
C ASP A 34 7.00 18.14 1.35
N SER A 35 6.00 18.71 2.02
CA SER A 35 6.13 19.07 3.43
C SER A 35 5.51 18.14 4.44
N GLU A 36 4.58 17.27 4.02
CA GLU A 36 3.80 16.54 5.00
C GLU A 36 4.11 15.04 5.08
N PHE A 37 5.02 14.56 4.25
CA PHE A 37 5.29 13.12 4.18
C PHE A 37 6.76 12.82 4.08
N ASN A 38 7.17 11.66 4.58
CA ASN A 38 8.58 11.23 4.46
C ASN A 38 8.72 9.94 3.62
N LEU A 39 7.59 9.51 3.04
CA LEU A 39 7.60 8.34 2.14
C LEU A 39 6.63 8.56 1.00
N VAL A 40 6.93 7.97 -0.16
CA VAL A 40 5.99 8.06 -1.27
C VAL A 40 5.82 6.71 -1.94
N VAL A 41 4.60 6.46 -2.40
CA VAL A 41 4.30 5.27 -3.22
C VAL A 41 3.57 5.78 -4.45
N ALA A 42 3.75 5.11 -5.58
CA ALA A 42 2.98 5.44 -6.79
C ALA A 42 1.57 4.86 -6.68
N GLU A 43 0.57 5.75 -6.79
CA GLU A 43 -0.80 5.29 -6.70
C GLU A 43 -1.10 4.31 -7.85
N ASN A 44 -0.57 4.60 -9.04
CA ASN A 44 -0.87 3.84 -10.27
C ASN A 44 0.33 3.62 -11.19
N ALA A 45 1.34 4.49 -11.10
CA ALA A 45 2.41 4.54 -12.12
C ALA A 45 3.34 3.33 -12.19
N MET A 46 3.34 2.50 -11.15
CA MET A 46 4.21 1.33 -11.16
C MET A 46 3.47 0.01 -11.30
N LYS A 47 2.16 0.08 -11.60
CA LYS A 47 1.36 -1.13 -11.79
C LYS A 47 1.67 -1.73 -13.16
N TRP A 48 1.18 -2.94 -13.40
CA TRP A 48 1.54 -3.64 -14.62
C TRP A 48 1.02 -2.89 -15.87
N ASP A 49 -0.24 -2.45 -15.84
CA ASP A 49 -0.73 -1.70 -17.01
C ASP A 49 0.06 -0.44 -17.32
N ALA A 50 0.60 0.17 -16.26
CA ALA A 50 1.35 1.41 -16.40
C ALA A 50 2.79 1.18 -16.80
N THR A 51 3.28 -0.05 -16.66
CA THR A 51 4.67 -0.31 -16.92
C THR A 51 4.97 -1.29 -18.07
N GLU A 52 4.02 -2.17 -18.38
CA GLU A 52 4.28 -3.13 -19.47
C GLU A 52 3.01 -3.25 -20.33
N PRO A 53 2.75 -2.21 -21.14
CA PRO A 53 1.51 -2.13 -21.89
C PRO A 53 1.39 -3.17 -23.01
N SER A 54 2.52 -3.63 -23.54
CA SER A 54 2.52 -4.79 -24.45
C SER A 54 3.64 -5.73 -24.04
N GLN A 55 3.60 -6.97 -24.51
CA GLN A 55 4.53 -7.96 -23.94
C GLN A 55 6.01 -7.60 -24.10
N ASN A 56 6.72 -7.55 -22.97
CA ASN A 56 8.13 -7.18 -22.92
C ASN A 56 8.48 -5.82 -23.54
N SER A 57 7.52 -4.89 -23.49
CA SER A 57 7.76 -3.55 -23.92
C SER A 57 7.34 -2.68 -22.75
N PHE A 58 8.31 -1.97 -22.19
CA PHE A 58 8.13 -1.25 -20.91
C PHE A 58 8.01 0.25 -21.08
N SER A 59 7.21 0.86 -20.21
CA SER A 59 6.95 2.28 -20.23
C SER A 59 7.20 2.83 -18.82
N PHE A 60 8.44 3.19 -18.55
CA PHE A 60 8.81 3.57 -17.18
C PHE A 60 8.76 5.07 -16.93
N GLY A 61 8.29 5.88 -17.87
CA GLY A 61 8.36 7.34 -17.67
C GLY A 61 7.63 7.78 -16.39
N ALA A 62 6.40 7.30 -16.23
CA ALA A 62 5.57 7.74 -15.06
C ALA A 62 6.18 7.23 -13.75
N GLY A 63 6.56 5.96 -13.72
CA GLY A 63 7.19 5.42 -12.53
C GLY A 63 8.52 6.10 -12.20
N ASP A 64 9.33 6.38 -13.22
CA ASP A 64 10.58 7.13 -13.04
C ASP A 64 10.29 8.52 -12.46
N ARG A 65 9.20 9.15 -12.91
CA ARG A 65 8.82 10.46 -12.35
C ARG A 65 8.56 10.39 -10.84
N VAL A 66 7.91 9.32 -10.40
CA VAL A 66 7.66 9.11 -8.97
C VAL A 66 8.98 8.85 -8.24
N ALA A 67 9.80 7.97 -8.80
CA ALA A 67 11.11 7.69 -8.17
C ALA A 67 11.98 8.94 -8.07
N SER A 68 11.99 9.76 -9.13
CA SER A 68 12.80 10.98 -9.14
C SER A 68 12.28 11.95 -8.08
N TYR A 69 10.93 12.02 -7.96
CA TYR A 69 10.31 12.86 -6.92
C TYR A 69 10.80 12.45 -5.52
N ALA A 70 10.78 11.15 -5.24
CA ALA A 70 11.28 10.65 -3.96
C ALA A 70 12.74 11.03 -3.72
N ALA A 71 13.58 10.79 -4.73
CA ALA A 71 15.00 11.09 -4.56
C ALA A 71 15.22 12.60 -4.37
N ASP A 72 14.49 13.41 -5.13
CA ASP A 72 14.70 14.87 -5.09
C ASP A 72 14.30 15.47 -3.74
N THR A 73 13.30 14.86 -3.10
CA THR A 73 12.76 15.38 -1.85
C THR A 73 13.22 14.57 -0.63
N GLY A 74 14.08 13.58 -0.85
CA GLY A 74 14.61 12.80 0.27
C GLY A 74 13.58 11.98 1.00
N LYS A 75 12.64 11.40 0.26
CA LYS A 75 11.63 10.51 0.84
C LYS A 75 11.93 9.06 0.52
N GLU A 76 11.57 8.17 1.44
CA GLU A 76 11.62 6.73 1.17
C GLU A 76 10.67 6.43 0.01
N LEU A 77 11.08 5.50 -0.86
CA LEU A 77 10.23 5.11 -1.98
C LEU A 77 9.71 3.69 -1.78
N TYR A 78 8.40 3.56 -1.88
CA TYR A 78 7.74 2.26 -1.66
C TYR A 78 7.15 1.82 -3.00
N GLY A 79 7.31 0.54 -3.36
CA GLY A 79 6.94 0.07 -4.68
C GLY A 79 5.61 -0.67 -4.72
N HIS A 80 4.70 -0.20 -5.57
CA HIS A 80 3.38 -0.83 -5.68
C HIS A 80 3.01 -0.93 -7.17
N THR A 81 2.77 -2.13 -7.74
CA THR A 81 2.81 -3.45 -7.12
C THR A 81 3.13 -4.38 -8.28
N LEU A 82 3.94 -5.41 -8.02
CA LEU A 82 4.44 -6.23 -9.13
C LEU A 82 3.40 -7.19 -9.69
N VAL A 83 2.67 -7.85 -8.79
CA VAL A 83 1.69 -8.88 -9.17
C VAL A 83 0.34 -8.58 -8.52
N TRP A 84 -0.64 -8.28 -9.35
CA TRP A 84 -2.01 -7.94 -8.89
C TRP A 84 -3.00 -8.32 -9.99
N HIS A 85 -4.12 -8.91 -9.59
CA HIS A 85 -5.06 -9.44 -10.56
C HIS A 85 -5.79 -8.34 -11.31
N SER A 86 -5.86 -7.17 -10.69
CA SER A 86 -6.67 -6.08 -11.21
C SER A 86 -5.90 -5.27 -12.23
N GLN A 87 -6.63 -4.80 -13.24
CA GLN A 87 -6.07 -3.95 -14.28
C GLN A 87 -4.93 -4.62 -15.04
N LEU A 88 -4.97 -5.94 -15.16
CA LEU A 88 -3.92 -6.64 -15.91
C LEU A 88 -4.22 -6.41 -17.41
N PRO A 89 -3.19 -6.05 -18.20
CA PRO A 89 -3.42 -5.85 -19.65
C PRO A 89 -4.01 -7.09 -20.31
N ASP A 90 -4.86 -6.88 -21.31
CA ASP A 90 -5.42 -7.99 -22.06
C ASP A 90 -4.39 -8.94 -22.65
N TRP A 91 -3.25 -8.44 -23.11
CA TRP A 91 -2.22 -9.33 -23.67
C TRP A 91 -1.81 -10.40 -22.64
N ALA A 92 -1.78 -10.02 -21.38
CA ALA A 92 -1.34 -10.96 -20.34
C ALA A 92 -2.47 -11.94 -20.00
N LYS A 93 -3.69 -11.42 -19.91
CA LYS A 93 -4.87 -12.26 -19.71
C LYS A 93 -5.01 -13.31 -20.82
N ASN A 94 -4.49 -13.00 -22.02
CA ASN A 94 -4.61 -13.92 -23.15
C ASN A 94 -3.60 -15.05 -23.16
N LEU A 95 -2.64 -14.99 -22.25
CA LEU A 95 -1.62 -16.02 -22.15
C LEU A 95 -2.05 -17.07 -21.16
N ASN A 96 -1.50 -18.27 -21.32
CA ASN A 96 -1.79 -19.35 -20.40
C ASN A 96 -0.57 -20.20 -20.12
N GLY A 97 -0.68 -21.02 -19.07
CA GLY A 97 0.32 -22.03 -18.74
C GLY A 97 1.68 -21.42 -18.58
N SER A 98 2.70 -22.12 -19.07
CA SER A 98 4.08 -21.64 -18.96
C SER A 98 4.30 -20.27 -19.60
N ALA A 99 3.53 -19.94 -20.64
CA ALA A 99 3.69 -18.64 -21.30
C ALA A 99 3.24 -17.51 -20.35
N PHE A 100 2.18 -17.77 -19.60
CA PHE A 100 1.70 -16.79 -18.63
C PHE A 100 2.67 -16.70 -17.45
N GLU A 101 3.09 -17.86 -16.92
CA GLU A 101 4.10 -17.84 -15.86
C GLU A 101 5.35 -17.04 -16.27
N SER A 102 5.83 -17.25 -17.49
N SER A 102 5.82 -17.28 -17.49
CA SER A 102 7.03 -16.54 -17.94
CA SER A 102 6.97 -16.58 -18.07
C SER A 102 6.78 -15.03 -18.10
C SER A 102 6.74 -15.07 -18.04
N ALA A 103 5.57 -14.65 -18.51
CA ALA A 103 5.22 -13.20 -18.57
C ALA A 103 5.22 -12.58 -17.15
N MET A 104 4.70 -13.30 -16.15
CA MET A 104 4.74 -12.82 -14.76
C MET A 104 6.17 -12.67 -14.27
N VAL A 105 6.95 -13.73 -14.46
CA VAL A 105 8.33 -13.70 -14.03
C VAL A 105 9.11 -12.58 -14.69
N ASN A 106 8.91 -12.38 -16.00
CA ASN A 106 9.60 -11.33 -16.73
C ASN A 106 9.17 -9.97 -16.20
N HIS A 107 7.87 -9.85 -15.93
CA HIS A 107 7.36 -8.58 -15.41
C HIS A 107 8.01 -8.22 -14.07
N VAL A 108 8.00 -9.18 -13.15
CA VAL A 108 8.63 -9.00 -11.84
C VAL A 108 10.11 -8.63 -12.01
N THR A 109 10.83 -9.42 -12.83
CA THR A 109 12.27 -9.22 -13.03
C THR A 109 12.59 -7.84 -13.61
N LYS A 110 11.92 -7.48 -14.69
CA LYS A 110 12.25 -6.23 -15.37
C LYS A 110 11.88 -5.01 -14.52
N VAL A 111 10.74 -5.07 -13.85
CA VAL A 111 10.31 -3.89 -13.06
C VAL A 111 11.22 -3.76 -11.81
N ALA A 112 11.48 -4.87 -11.10
CA ALA A 112 12.34 -4.82 -9.92
C ALA A 112 13.78 -4.38 -10.33
N ASP A 113 14.30 -4.90 -11.44
CA ASP A 113 15.64 -4.49 -11.90
C ASP A 113 15.66 -3.01 -12.23
N HIS A 114 14.60 -2.53 -12.89
CA HIS A 114 14.61 -1.16 -13.33
C HIS A 114 14.73 -0.20 -12.14
N PHE A 115 14.00 -0.52 -11.07
CA PHE A 115 13.96 0.35 -9.89
C PHE A 115 14.92 -0.04 -8.76
N GLU A 116 15.80 -1.02 -9.03
CA GLU A 116 16.71 -1.47 -8.02
C GLU A 116 17.59 -0.34 -7.49
N GLY A 117 17.68 -0.26 -6.17
CA GLY A 117 18.49 0.75 -5.48
C GLY A 117 17.74 2.06 -5.31
N LYS A 118 16.52 2.14 -5.86
CA LYS A 118 15.62 3.30 -5.68
C LYS A 118 14.43 2.92 -4.82
N VAL A 119 13.68 1.89 -5.25
CA VAL A 119 12.58 1.34 -4.45
C VAL A 119 13.12 0.54 -3.27
N ALA A 120 12.75 0.95 -2.06
CA ALA A 120 13.25 0.29 -0.85
C ALA A 120 12.47 -0.96 -0.47
N SER A 121 11.17 -1.01 -0.82
CA SER A 121 10.28 -2.11 -0.48
C SER A 121 9.29 -2.26 -1.61
N TRP A 122 8.89 -3.49 -1.88
CA TRP A 122 7.89 -3.77 -2.92
C TRP A 122 6.68 -4.50 -2.36
N ASP A 123 5.47 -4.10 -2.78
CA ASP A 123 4.33 -5.01 -2.75
C ASP A 123 4.55 -5.99 -3.89
N VAL A 124 5.18 -7.13 -3.60
CA VAL A 124 5.43 -8.11 -4.64
C VAL A 124 4.12 -8.76 -5.12
N VAL A 125 3.28 -9.13 -4.16
CA VAL A 125 1.96 -9.69 -4.46
C VAL A 125 0.93 -8.86 -3.71
N ASN A 126 -0.10 -8.49 -4.43
CA ASN A 126 -1.20 -7.71 -3.88
C ASN A 126 -2.54 -8.45 -3.97
N GLU A 127 -3.29 -8.45 -2.87
CA GLU A 127 -4.70 -8.97 -2.84
C GLU A 127 -4.86 -10.42 -3.33
N ALA A 128 -4.00 -11.29 -2.80
CA ALA A 128 -4.06 -12.73 -3.11
C ALA A 128 -5.18 -13.50 -2.43
N PHE A 129 -5.77 -12.93 -1.38
CA PHE A 129 -6.70 -13.71 -0.55
C PHE A 129 -8.15 -13.30 -0.75
N ALA A 130 -9.06 -14.11 -0.21
CA ALA A 130 -10.48 -13.88 -0.39
C ALA A 130 -11.13 -13.45 0.92
N ASP A 131 -12.08 -12.54 0.86
CA ASP A 131 -12.86 -12.27 2.05
C ASP A 131 -13.50 -13.60 2.41
N GLY A 132 -13.40 -13.97 3.68
CA GLY A 132 -14.00 -15.24 4.16
C GLY A 132 -13.00 -16.38 4.16
N GLY A 133 -11.79 -16.08 3.67
CA GLY A 133 -10.69 -17.02 3.75
C GLY A 133 -10.36 -17.71 2.45
N GLY A 134 -9.14 -18.26 2.41
CA GLY A 134 -8.61 -18.90 1.21
C GLY A 134 -8.16 -17.93 0.12
N ARG A 135 -7.95 -18.47 -1.08
CA ARG A 135 -7.42 -17.66 -2.18
C ARG A 135 -8.50 -16.92 -2.94
N ARG A 136 -8.12 -15.72 -3.42
CA ARG A 136 -8.96 -14.94 -4.29
C ARG A 136 -9.47 -15.73 -5.50
N GLN A 137 -10.74 -15.50 -5.83
CA GLN A 137 -11.48 -16.30 -6.83
C GLN A 137 -11.71 -15.67 -8.21
N ASP A 138 -11.25 -14.43 -8.40
CA ASP A 138 -11.32 -13.78 -9.68
C ASP A 138 -9.95 -13.27 -10.13
N SER A 139 -8.90 -14.07 -9.83
CA SER A 139 -7.53 -13.71 -10.17
C SER A 139 -6.93 -14.54 -11.29
N ALA A 140 -6.46 -13.86 -12.34
CA ALA A 140 -5.75 -14.54 -13.46
C ALA A 140 -4.57 -15.36 -12.97
N PHE A 141 -3.85 -14.82 -11.97
CA PHE A 141 -2.70 -15.56 -11.41
C PHE A 141 -3.11 -16.85 -10.71
N GLN A 142 -4.10 -16.77 -9.83
CA GLN A 142 -4.60 -17.94 -9.12
C GLN A 142 -5.17 -18.96 -10.11
N GLN A 143 -5.92 -18.47 -11.09
CA GLN A 143 -6.61 -19.36 -12.04
C GLN A 143 -5.68 -20.03 -13.03
N LYS A 144 -4.64 -19.32 -13.45
CA LYS A 144 -3.72 -19.85 -14.48
C LYS A 144 -2.53 -20.59 -13.90
N LEU A 145 -2.13 -20.20 -12.68
CA LEU A 145 -0.92 -20.75 -12.07
C LEU A 145 -1.12 -21.51 -10.77
N GLY A 146 -2.26 -21.29 -10.10
CA GLY A 146 -2.53 -21.98 -8.84
C GLY A 146 -1.74 -21.46 -7.67
N ASN A 147 -1.75 -22.22 -6.57
CA ASN A 147 -1.18 -21.72 -5.29
C ASN A 147 0.26 -21.23 -5.36
N GLY A 148 1.07 -21.88 -6.18
CA GLY A 148 2.51 -21.60 -6.17
C GLY A 148 2.96 -20.27 -6.73
N TYR A 149 2.06 -19.49 -7.36
CA TYR A 149 2.51 -18.24 -8.02
C TYR A 149 3.08 -17.22 -7.03
N ILE A 150 2.59 -17.24 -5.78
CA ILE A 150 3.06 -16.24 -4.80
C ILE A 150 4.53 -16.51 -4.51
N GLU A 151 4.85 -17.76 -4.14
CA GLU A 151 6.24 -18.09 -3.98
C GLU A 151 7.13 -17.79 -5.21
N THR A 152 6.64 -18.14 -6.40
CA THR A 152 7.41 -17.87 -7.63
C THR A 152 7.72 -16.36 -7.73
N ALA A 153 6.71 -15.54 -7.47
CA ALA A 153 6.88 -14.08 -7.56
C ALA A 153 7.91 -13.55 -6.56
N PHE A 154 7.80 -13.98 -5.29
CA PHE A 154 8.76 -13.56 -4.29
C PHE A 154 10.17 -14.00 -4.61
N ARG A 155 10.34 -15.24 -5.05
CA ARG A 155 11.69 -15.67 -5.39
C ARG A 155 12.26 -14.90 -6.57
N ALA A 156 11.43 -14.62 -7.58
CA ALA A 156 11.87 -13.83 -8.72
C ALA A 156 12.25 -12.39 -8.33
N ALA A 157 11.47 -11.82 -7.42
CA ALA A 157 11.75 -10.48 -6.97
C ALA A 157 13.10 -10.42 -6.24
N ARG A 158 13.35 -11.40 -5.36
CA ARG A 158 14.64 -11.45 -4.63
C ARG A 158 15.81 -11.70 -5.59
N ALA A 159 15.57 -12.51 -6.63
CA ALA A 159 16.63 -12.81 -7.60
C ALA A 159 17.05 -11.54 -8.33
N ALA A 160 16.08 -10.66 -8.59
CA ALA A 160 16.30 -9.39 -9.28
C ALA A 160 16.91 -8.36 -8.34
N ASP A 161 16.38 -8.29 -7.12
CA ASP A 161 16.75 -7.27 -6.15
C ASP A 161 17.11 -7.93 -4.83
N PRO A 162 18.42 -8.18 -4.62
CA PRO A 162 18.85 -8.90 -3.42
C PRO A 162 18.53 -8.23 -2.08
N THR A 163 18.28 -6.92 -2.09
CA THR A 163 18.15 -6.24 -0.80
C THR A 163 16.80 -5.58 -0.53
N ALA A 164 15.98 -5.37 -1.55
CA ALA A 164 14.68 -4.70 -1.29
C ALA A 164 13.85 -5.51 -0.28
N LYS A 165 13.08 -4.81 0.54
CA LYS A 165 12.14 -5.49 1.43
C LYS A 165 10.98 -5.98 0.57
N LEU A 166 10.66 -7.27 0.66
CA LEU A 166 9.62 -7.82 -0.20
C LEU A 166 8.37 -8.10 0.61
N CYS A 167 7.29 -7.36 0.27
CA CYS A 167 6.05 -7.42 1.05
C CYS A 167 4.90 -8.08 0.30
N ILE A 168 3.98 -8.66 1.07
CA ILE A 168 2.67 -9.06 0.54
C ILE A 168 1.65 -8.09 1.13
N ASN A 169 0.70 -7.65 0.32
CA ASN A 169 -0.23 -6.58 0.75
C ASN A 169 -1.68 -7.05 0.55
N ASP A 170 -2.59 -6.63 1.43
CA ASP A 170 -4.01 -7.02 1.28
C ASP A 170 -4.91 -6.07 2.05
N TYR A 171 -6.21 -6.19 1.77
CA TYR A 171 -7.24 -5.41 2.48
C TYR A 171 -8.21 -6.35 3.20
N ASN A 172 -9.03 -5.79 4.11
CA ASN A 172 -9.93 -6.61 4.93
C ASN A 172 -9.15 -7.66 5.72
N VAL A 173 -7.90 -7.34 6.03
CA VAL A 173 -7.01 -8.21 6.83
C VAL A 173 -6.52 -7.48 8.07
N GLU A 174 -7.20 -6.38 8.41
CA GLU A 174 -6.79 -5.58 9.54
C GLU A 174 -7.20 -6.19 10.88
N GLY A 175 -8.39 -6.78 10.90
CA GLY A 175 -8.81 -7.57 12.05
C GLY A 175 -8.35 -9.02 11.92
N ILE A 176 -8.53 -9.79 12.99
CA ILE A 176 -8.29 -11.25 12.97
C ILE A 176 -9.55 -11.92 12.41
N ASN A 177 -9.43 -12.45 11.20
CA ASN A 177 -10.57 -13.06 10.54
C ASN A 177 -10.08 -14.16 9.61
N ALA A 178 -10.99 -14.79 8.87
CA ALA A 178 -10.58 -15.92 8.02
C ALA A 178 -9.57 -15.45 6.97
N LYS A 179 -9.77 -14.25 6.43
CA LYS A 179 -8.85 -13.70 5.42
C LYS A 179 -7.43 -13.46 5.98
N SER A 180 -7.35 -12.75 7.10
CA SER A 180 -6.03 -12.50 7.69
C SER A 180 -5.40 -13.78 8.25
N ASN A 181 -6.24 -14.75 8.66
CA ASN A 181 -5.70 -16.05 9.06
C ASN A 181 -5.03 -16.78 7.89
N SER A 182 -5.67 -16.78 6.71
CA SER A 182 -5.07 -17.36 5.52
C SER A 182 -3.73 -16.68 5.18
N LEU A 183 -3.73 -15.34 5.26
CA LEU A 183 -2.51 -14.56 5.03
C LEU A 183 -1.42 -14.93 6.05
N TYR A 184 -1.81 -14.98 7.33
CA TYR A 184 -0.93 -15.39 8.41
C TYR A 184 -0.30 -16.77 8.15
N ASP A 185 -1.12 -17.72 7.74
CA ASP A 185 -0.64 -19.09 7.44
C ASP A 185 0.45 -19.06 6.36
N LEU A 186 0.22 -18.26 5.32
CA LEU A 186 1.23 -18.14 4.28
C LEU A 186 2.52 -17.53 4.77
N VAL A 187 2.41 -16.42 5.50
CA VAL A 187 3.61 -15.74 6.00
C VAL A 187 4.45 -16.68 6.88
N LYS A 188 3.77 -17.37 7.79
CA LYS A 188 4.45 -18.35 8.66
C LYS A 188 5.12 -19.45 7.83
N ASP A 189 4.41 -19.96 6.82
CA ASP A 189 4.98 -20.97 5.91
C ASP A 189 6.25 -20.47 5.19
N PHE A 190 6.15 -19.26 4.63
CA PHE A 190 7.25 -18.70 3.85
C PHE A 190 8.47 -18.51 4.75
N LYS A 191 8.26 -17.95 5.93
CA LYS A 191 9.40 -17.76 6.84
C LYS A 191 10.00 -19.10 7.26
N ALA A 192 9.14 -20.08 7.52
CA ALA A 192 9.59 -21.42 7.95
C ALA A 192 10.48 -22.04 6.88
N ARG A 193 10.14 -21.82 5.62
CA ARG A 193 10.87 -22.43 4.49
C ARG A 193 11.95 -21.56 3.84
N GLY A 194 12.14 -20.36 4.35
CA GLY A 194 13.15 -19.44 3.83
C GLY A 194 12.80 -18.80 2.49
N VAL A 195 11.52 -18.77 2.17
CA VAL A 195 11.06 -18.03 1.00
C VAL A 195 11.27 -16.53 1.31
N PRO A 196 11.86 -15.78 0.36
CA PRO A 196 12.10 -14.35 0.57
C PRO A 196 10.76 -13.65 0.85
N LEU A 197 10.70 -12.97 1.98
CA LEU A 197 9.49 -12.27 2.43
C LEU A 197 9.89 -11.50 3.67
N ASP A 198 9.71 -10.19 3.63
CA ASP A 198 10.19 -9.32 4.70
C ASP A 198 9.12 -8.51 5.43
N CYS A 199 7.95 -8.39 4.81
CA CYS A 199 6.95 -7.46 5.33
C CYS A 199 5.54 -7.78 4.88
N VAL A 200 4.56 -7.27 5.65
CA VAL A 200 3.17 -7.48 5.33
C VAL A 200 2.49 -6.12 5.35
N GLY A 201 1.75 -5.83 4.30
CA GLY A 201 1.01 -4.58 4.19
C GLY A 201 -0.45 -4.78 4.49
N PHE A 202 -1.00 -3.87 5.29
CA PHE A 202 -2.40 -3.85 5.68
C PHE A 202 -3.02 -2.59 5.08
N GLN A 203 -3.79 -2.73 4.01
CA GLN A 203 -4.22 -1.57 3.25
C GLN A 203 -5.03 -0.58 4.06
N SER A 204 -5.93 -1.07 4.89
CA SER A 204 -6.72 -0.19 5.79
C SER A 204 -7.59 0.80 5.02
N HIS A 205 -8.30 0.27 4.01
CA HIS A 205 -9.43 0.99 3.42
C HIS A 205 -10.65 0.76 4.31
N LEU A 206 -10.83 1.67 5.26
CA LEU A 206 -11.81 1.49 6.33
C LEU A 206 -13.02 2.37 6.10
N ILE A 207 -14.09 2.05 6.83
CA ILE A 207 -15.30 2.90 6.83
C ILE A 207 -15.38 3.64 8.15
N VAL A 208 -15.76 4.93 8.13
CA VAL A 208 -15.85 5.71 9.35
C VAL A 208 -16.69 4.99 10.38
N GLY A 209 -16.19 4.90 11.59
CA GLY A 209 -16.88 4.22 12.67
C GLY A 209 -16.66 2.72 12.72
N GLN A 210 -15.78 2.20 11.87
CA GLN A 210 -15.58 0.76 11.83
C GLN A 210 -14.09 0.34 11.78
N VAL A 211 -13.30 0.80 12.75
CA VAL A 211 -11.89 0.36 12.86
C VAL A 211 -11.86 -0.92 13.70
N PRO A 212 -11.24 -2.00 13.18
CA PRO A 212 -11.19 -3.25 13.97
C PRO A 212 -10.50 -3.01 15.29
N GLY A 213 -11.13 -3.46 16.38
CA GLY A 213 -10.56 -3.24 17.71
C GLY A 213 -9.33 -4.11 17.98
N ASP A 214 -9.20 -5.20 17.20
CA ASP A 214 -8.08 -6.13 17.34
C ASP A 214 -6.94 -5.83 16.35
N PHE A 215 -6.93 -4.63 15.79
CA PHE A 215 -5.93 -4.29 14.75
C PHE A 215 -4.51 -4.43 15.34
N ARG A 216 -4.27 -3.83 16.51
CA ARG A 216 -2.94 -3.93 17.14
C ARG A 216 -2.56 -5.40 17.37
N GLN A 217 -3.48 -6.19 17.94
CA GLN A 217 -3.18 -7.60 18.22
C GLN A 217 -2.77 -8.31 16.96
N ASN A 218 -3.51 -8.04 15.89
CA ASN A 218 -3.22 -8.63 14.57
C ASN A 218 -1.88 -8.21 14.00
N LEU A 219 -1.59 -6.91 14.00
CA LEU A 219 -0.27 -6.44 13.57
C LEU A 219 0.83 -7.13 14.38
N GLN A 220 0.63 -7.24 15.69
CA GLN A 220 1.64 -7.86 16.55
C GLN A 220 1.90 -9.33 16.23
N ARG A 221 0.84 -10.11 15.96
CA ARG A 221 1.06 -11.53 15.68
C ARG A 221 1.82 -11.72 14.37
N PHE A 222 1.59 -10.81 13.40
CA PHE A 222 2.41 -10.84 12.17
C PHE A 222 3.85 -10.46 12.45
N ALA A 223 4.08 -9.35 13.16
CA ALA A 223 5.45 -8.96 13.50
C ALA A 223 6.17 -10.11 14.19
N ASP A 224 5.43 -10.85 15.03
CA ASP A 224 6.06 -11.94 15.81
C ASP A 224 6.46 -13.14 14.95
N LEU A 225 5.97 -13.18 13.71
CA LEU A 225 6.47 -14.21 12.74
C LEU A 225 7.87 -13.85 12.21
N GLY A 226 8.39 -12.68 12.56
CA GLY A 226 9.70 -12.19 12.13
C GLY A 226 9.63 -11.41 10.82
N VAL A 227 8.56 -10.63 10.65
CA VAL A 227 8.45 -9.73 9.49
C VAL A 227 8.05 -8.34 9.97
N ASP A 228 8.30 -7.33 9.14
CA ASP A 228 7.87 -5.97 9.45
C ASP A 228 6.43 -5.85 8.98
N VAL A 229 5.71 -4.89 9.56
CA VAL A 229 4.31 -4.64 9.14
C VAL A 229 4.17 -3.17 8.78
N ARG A 230 3.17 -2.86 7.95
CA ARG A 230 2.95 -1.47 7.51
C ARG A 230 1.49 -1.26 7.17
N ILE A 231 0.96 -0.09 7.53
CA ILE A 231 -0.37 0.34 7.08
C ILE A 231 -0.13 1.05 5.76
N THR A 232 -0.65 0.48 4.67
CA THR A 232 -0.17 0.85 3.32
C THR A 232 -1.07 1.76 2.49
N GLU A 233 -2.37 1.76 2.76
CA GLU A 233 -3.30 2.51 1.90
C GLU A 233 -4.44 3.12 2.70
N LEU A 234 -4.10 3.68 3.86
CA LEU A 234 -5.13 4.16 4.76
C LEU A 234 -6.02 5.24 4.13
N ASP A 235 -7.31 5.00 4.20
CA ASP A 235 -8.33 6.04 4.04
C ASP A 235 -9.59 5.59 4.81
N ILE A 236 -10.44 6.54 5.19
CA ILE A 236 -11.56 6.16 6.08
C ILE A 236 -12.78 6.88 5.55
N ARG A 237 -13.57 6.15 4.78
CA ARG A 237 -14.63 6.78 3.96
C ARG A 237 -15.94 6.91 4.73
N MET A 238 -16.69 7.96 4.36
CA MET A 238 -17.99 8.22 4.96
C MET A 238 -19.02 8.50 3.85
N ARG A 239 -20.31 8.51 4.22
CA ARG A 239 -21.34 9.02 3.32
C ARG A 239 -21.16 10.52 3.21
N THR A 240 -21.16 11.05 2.00
CA THR A 240 -20.93 12.47 1.74
C THR A 240 -22.28 13.20 1.73
N PRO A 241 -22.28 14.52 1.98
CA PRO A 241 -21.14 15.33 2.35
C PRO A 241 -20.80 15.10 3.82
N SER A 242 -19.59 15.51 4.19
CA SER A 242 -19.15 15.42 5.57
C SER A 242 -19.97 16.36 6.48
N ASP A 243 -19.96 16.08 7.78
CA ASP A 243 -20.50 17.00 8.76
C ASP A 243 -19.62 16.89 10.01
N ALA A 244 -19.89 17.69 11.04
CA ALA A 244 -19.02 17.73 12.21
C ALA A 244 -18.91 16.37 12.89
N THR A 245 -20.04 15.68 13.04
CA THR A 245 -20.04 14.35 13.71
C THR A 245 -19.14 13.37 12.95
N LYS A 246 -19.38 13.25 11.64
CA LYS A 246 -18.60 12.32 10.82
C LYS A 246 -17.11 12.66 10.81
N LEU A 247 -16.78 13.95 10.70
CA LEU A 247 -15.37 14.36 10.72
C LEU A 247 -14.69 14.05 12.06
N ALA A 248 -15.42 14.22 13.16
CA ALA A 248 -14.89 13.86 14.47
C ALA A 248 -14.64 12.35 14.61
N THR A 249 -15.61 11.55 14.15
CA THR A 249 -15.47 10.09 14.23
C THR A 249 -14.28 9.69 13.36
N GLN A 250 -14.20 10.29 12.17
CA GLN A 250 -13.11 9.97 11.23
C GLN A 250 -11.77 10.30 11.86
N ALA A 251 -11.68 11.43 12.57
CA ALA A 251 -10.44 11.81 13.24
C ALA A 251 -10.08 10.77 14.30
N ALA A 252 -11.07 10.39 15.12
CA ALA A 252 -10.85 9.36 16.13
C ALA A 252 -10.35 8.06 15.49
N ASP A 253 -10.86 7.75 14.30
CA ASP A 253 -10.51 6.52 13.55
C ASP A 253 -9.09 6.56 13.06
N TYR A 254 -8.68 7.71 12.53
CA TYR A 254 -7.29 7.89 12.11
C TYR A 254 -6.38 7.72 13.30
N LYS A 255 -6.77 8.29 14.45
CA LYS A 255 -5.92 8.17 15.62
C LYS A 255 -5.79 6.69 16.03
N LYS A 256 -6.91 5.93 16.00
CA LYS A 256 -6.90 4.51 16.37
C LYS A 256 -5.89 3.74 15.50
N VAL A 257 -5.90 4.01 14.19
CA VAL A 257 -5.05 3.24 13.27
C VAL A 257 -3.58 3.60 13.50
N VAL A 258 -3.27 4.88 13.62
CA VAL A 258 -1.89 5.30 13.78
C VAL A 258 -1.38 4.81 15.14
N GLN A 259 -2.23 4.84 16.16
CA GLN A 259 -1.84 4.30 17.48
C GLN A 259 -1.53 2.81 17.41
N ALA A 260 -2.34 2.06 16.65
CA ALA A 260 -2.14 0.60 16.58
C ALA A 260 -0.73 0.36 16.02
N CYS A 261 -0.38 1.11 14.98
CA CYS A 261 0.97 1.04 14.44
C CYS A 261 2.06 1.44 15.45
N MET A 262 1.87 2.54 16.15
CA MET A 262 2.81 3.00 17.16
C MET A 262 3.02 1.94 18.25
N GLN A 263 1.99 1.14 18.52
CA GLN A 263 2.02 0.12 19.57
C GLN A 263 2.73 -1.19 19.18
N VAL A 264 3.17 -1.28 17.93
CA VAL A 264 3.87 -2.48 17.42
C VAL A 264 5.24 -2.03 16.94
N THR A 265 6.29 -2.54 17.58
CA THR A 265 7.65 -2.03 17.33
C THR A 265 8.08 -2.18 15.88
N ARG A 266 7.62 -3.24 15.23
CA ARG A 266 8.03 -3.50 13.83
C ARG A 266 7.03 -2.93 12.82
N CYS A 267 6.10 -2.09 13.30
CA CYS A 267 5.24 -1.38 12.34
C CYS A 267 6.03 -0.18 11.78
N GLN A 268 6.32 -0.22 10.49
CA GLN A 268 7.24 0.74 9.90
C GLN A 268 6.61 2.14 9.81
N GLY A 269 5.29 2.16 9.71
CA GLY A 269 4.58 3.45 9.61
C GLY A 269 3.27 3.29 8.87
N VAL A 270 2.74 4.43 8.44
CA VAL A 270 1.41 4.50 7.86
C VAL A 270 1.50 5.33 6.57
N THR A 271 0.91 4.79 5.50
CA THR A 271 0.82 5.49 4.20
C THR A 271 -0.67 5.72 3.94
N VAL A 272 -1.05 6.97 3.65
CA VAL A 272 -2.44 7.28 3.30
C VAL A 272 -2.60 7.27 1.78
N TRP A 273 -3.78 6.84 1.32
CA TRP A 273 -3.98 6.56 -0.10
C TRP A 273 -4.44 7.84 -0.84
N GLY A 274 -3.55 8.83 -0.80
CA GLY A 274 -3.80 10.12 -1.42
C GLY A 274 -3.60 11.25 -0.44
N ILE A 275 -3.70 12.47 -1.00
CA ILE A 275 -3.58 13.67 -0.21
C ILE A 275 -4.95 14.28 0.01
N THR A 276 -5.65 14.54 -1.09
CA THR A 276 -6.90 15.34 -1.03
C THR A 276 -8.11 14.53 -1.47
N ASP A 277 -9.23 14.73 -0.77
CA ASP A 277 -10.55 14.21 -1.22
C ASP A 277 -10.85 14.52 -2.69
N LYS A 278 -10.31 15.63 -3.18
CA LYS A 278 -10.45 16.06 -4.58
C LYS A 278 -10.13 14.94 -5.58
N TYR A 279 -9.15 14.09 -5.24
CA TYR A 279 -8.63 13.09 -6.17
C TYR A 279 -8.82 11.63 -5.73
N SER A 280 -9.41 11.43 -4.56
CA SER A 280 -9.56 10.09 -3.98
C SER A 280 -10.29 9.11 -4.89
N TRP A 281 -9.80 7.88 -4.93
CA TRP A 281 -10.47 6.79 -5.65
C TRP A 281 -11.90 6.47 -5.17
N VAL A 282 -12.22 6.85 -3.93
CA VAL A 282 -13.43 6.34 -3.25
C VAL A 282 -14.74 6.68 -4.00
N PRO A 283 -15.00 7.98 -4.29
CA PRO A 283 -16.31 8.32 -4.91
C PRO A 283 -16.67 7.60 -6.23
N ASP A 284 -15.67 7.22 -7.02
CA ASP A 284 -15.93 6.52 -8.28
C ASP A 284 -16.29 5.06 -8.11
N VAL A 285 -15.84 4.47 -7.01
CA VAL A 285 -16.09 3.07 -6.72
C VAL A 285 -17.35 2.89 -5.87
N PHE A 286 -17.55 3.78 -4.90
CA PHE A 286 -18.67 3.71 -3.96
C PHE A 286 -19.50 4.98 -4.07
N PRO A 287 -20.51 4.98 -4.97
CA PRO A 287 -21.35 6.16 -5.15
C PRO A 287 -21.94 6.66 -3.82
N GLY A 288 -21.82 7.96 -3.55
CA GLY A 288 -22.32 8.56 -2.30
C GLY A 288 -21.40 8.43 -1.11
N GLU A 289 -20.23 7.82 -1.34
CA GLU A 289 -19.17 7.75 -0.31
C GLU A 289 -17.96 8.56 -0.74
N GLY A 290 -17.13 8.91 0.24
CA GLY A 290 -15.97 9.73 -0.04
C GLY A 290 -15.47 10.42 1.20
N ALA A 291 -14.99 11.65 1.01
CA ALA A 291 -14.38 12.45 2.08
C ALA A 291 -13.47 11.60 2.97
N ALA A 292 -12.65 10.77 2.35
CA ALA A 292 -11.95 9.71 3.10
C ALA A 292 -10.55 10.09 3.55
N LEU A 293 -10.01 11.20 3.03
CA LEU A 293 -8.61 11.57 3.28
C LEU A 293 -8.35 12.69 4.32
N VAL A 294 -7.08 13.08 4.50
CA VAL A 294 -6.72 14.03 5.57
C VAL A 294 -6.96 15.47 5.17
N TRP A 295 -6.89 15.76 3.88
CA TRP A 295 -7.21 17.11 3.33
C TRP A 295 -8.50 17.06 2.51
N ASP A 296 -9.34 18.09 2.65
CA ASP A 296 -10.54 18.13 1.83
C ASP A 296 -10.28 18.58 0.38
N ALA A 297 -11.36 18.75 -0.38
CA ALA A 297 -11.24 19.03 -1.81
C ALA A 297 -10.69 20.42 -2.12
N SER A 298 -10.63 21.28 -1.10
CA SER A 298 -10.01 22.62 -1.22
C SER A 298 -8.65 22.68 -0.48
N TYR A 299 -8.11 21.50 -0.15
CA TYR A 299 -6.83 21.39 0.56
C TYR A 299 -6.81 21.96 1.97
N ALA A 300 -7.98 22.03 2.60
CA ALA A 300 -8.04 22.36 4.01
C ALA A 300 -7.81 21.08 4.83
N LYS A 301 -6.94 21.21 5.83
CA LYS A 301 -6.74 20.17 6.82
C LYS A 301 -8.07 19.81 7.51
N LYS A 302 -8.37 18.53 7.56
CA LYS A 302 -9.55 18.08 8.32
C LYS A 302 -9.16 17.72 9.76
N PRO A 303 -10.17 17.46 10.62
CA PRO A 303 -9.82 17.08 12.01
C PRO A 303 -8.90 15.88 12.11
N ALA A 304 -8.91 15.05 11.05
CA ALA A 304 -8.01 13.88 10.99
C ALA A 304 -6.53 14.28 11.09
N TYR A 305 -6.20 15.48 10.59
CA TYR A 305 -4.82 15.96 10.62
C TYR A 305 -4.29 16.02 12.05
N ALA A 306 -4.99 16.71 12.94
CA ALA A 306 -4.56 16.79 14.34
C ALA A 306 -4.48 15.42 14.99
N ALA A 307 -5.39 14.53 14.62
CA ALA A 307 -5.48 13.21 15.23
C ALA A 307 -4.22 12.43 14.85
N VAL A 308 -3.84 12.51 13.57
CA VAL A 308 -2.62 11.80 13.14
C VAL A 308 -1.39 12.36 13.85
N MET A 309 -1.32 13.68 13.95
CA MET A 309 -0.23 14.32 14.65
C MET A 309 -0.11 13.83 16.10
N GLU A 310 -1.24 13.83 16.80
CA GLU A 310 -1.31 13.34 18.17
C GLU A 310 -0.89 11.89 18.33
N ALA A 311 -1.33 11.06 17.39
CA ALA A 311 -1.08 9.62 17.46
C ALA A 311 0.40 9.30 17.32
N PHE A 312 1.09 10.04 16.45
CA PHE A 312 2.54 9.87 16.27
C PHE A 312 3.32 10.37 17.47
N GLY A 313 2.65 11.14 18.30
N GLY A 313 2.69 11.27 18.20
CA GLY A 313 3.11 11.34 19.66
CA GLY A 313 3.42 12.24 18.99
C GLY A 313 3.52 12.79 19.77
C GLY A 313 3.38 11.67 20.37
N ALA A 314 3.14 13.57 18.77
N ALA A 314 2.64 10.58 20.49
CA ALA A 314 3.49 14.97 18.66
CA ALA A 314 2.43 9.88 21.75
C ALA A 314 2.58 15.84 19.53
C ALA A 314 3.41 8.72 21.87
O2 9MR B . -6.39 4.39 -6.10
C2 9MR B . -6.21 3.60 -7.30
C3 9MR B . -7.13 4.03 -8.46
O3 9MR B . -6.69 5.31 -8.93
C4 9MR B . -7.06 3.03 -9.62
O4 9MR B . -8.11 3.33 -10.57
C5 9MR B . -7.19 1.57 -9.14
C6 9MR B . -6.85 0.51 -10.21
O6 9MR B . -5.48 0.57 -10.56
O5 9MR B . -6.24 1.34 -8.07
C1 9MR B . -6.56 2.15 -6.97
O1 9MR B . -5.64 1.81 -5.92
C3A 9MR B . -5.94 0.52 -5.30
C4A 9MR B . -4.58 -0.08 -4.89
O4A 9MR B . -3.79 -0.21 -6.08
C5M 9MR B . -4.72 -1.49 -4.29
N5A 9MR B . -5.69 -1.50 -3.17
C1A 9MR B . -7.01 -0.89 -3.50
C2A 9MR B . -6.83 0.55 -4.03
C6A 9MR B . -8.23 1.21 -4.21
O6A 9MR B . -9.00 0.50 -5.19
#